data_6XFP
#
_entry.id   6XFP
#
_cell.length_a   48.793
_cell.length_b   119.563
_cell.length_c   103.934
_cell.angle_alpha   90.000
_cell.angle_beta   90.000
_cell.angle_gamma   90.000
#
_symmetry.space_group_name_H-M   'C 2 2 21'
#
loop_
_entity.id
_entity.type
_entity.pdbx_description
1 polymer 'Serine/threonine-protein kinase B-raf'
2 non-polymer 4-amino-N-{1-[(3-chloro-2-fluorophenyl)amino]-6-methylisoquinolin-5-yl}thieno[3,2-d]pyrimidine-7-carboxamide
3 non-polymer 'CHLORIDE ION'
4 water water
#
_entity_poly.entity_id   1
_entity_poly.type   'polypeptide(L)'
_entity_poly.pdbx_seq_one_letter_code
;MHHHHHGSRDSSDDWEIPDGQITVGQRIGSGSFGTVYKGKWHGDVAVKMLNVTAPTPQQLQAFKNEVGVLRKTRHVNILL
FMGYSTKPQLAIVTQWCEGSSLYKHLHASETKFEMKKLIDIARQTARGMDYLHAKSIIHRDLKSNNIFLHEDNTVKIGDF
GLATVKSRWSGSHQFEQLSGSILWMAPEVIRMQDSNPYSFQSDVYAFGIVLYELMTGQLPYSNINNRDQIIEMVGRGSLS
PDLSKVRSNCPKRMKRLMAECLKKKRDERPSFPRILAEIEELARELSG
;
_entity_poly.pdbx_strand_id   A
#
# COMPACT_ATOMS: atom_id res chain seq x y z
N ASP A 14 13.12 23.29 -2.12
CA ASP A 14 14.26 22.52 -1.61
C ASP A 14 13.96 21.79 -0.29
N TRP A 15 14.01 20.45 -0.34
CA TRP A 15 13.69 19.61 0.80
C TRP A 15 14.90 18.84 1.33
N GLU A 16 16.11 19.18 0.91
CA GLU A 16 17.27 18.48 1.46
C GLU A 16 17.53 18.96 2.88
N ILE A 17 17.62 18.01 3.81
CA ILE A 17 17.90 18.32 5.21
C ILE A 17 19.41 18.24 5.42
N PRO A 18 20.06 19.33 5.86
CA PRO A 18 21.52 19.30 6.01
C PRO A 18 21.97 18.26 7.02
N ASP A 19 23.17 17.75 6.81
CA ASP A 19 23.72 16.71 7.68
C ASP A 19 23.82 17.22 9.11
N GLY A 20 23.60 16.31 10.06
CA GLY A 20 23.73 16.65 11.47
C GLY A 20 22.46 17.14 12.13
N GLN A 21 21.41 17.44 11.37
CA GLN A 21 20.18 17.91 12.01
C GLN A 21 19.32 16.76 12.52
N ILE A 22 19.30 15.63 11.84
CA ILE A 22 18.45 14.53 12.27
C ILE A 22 19.18 13.69 13.32
N THR A 23 18.51 13.42 14.43
CA THR A 23 19.01 12.50 15.45
C THR A 23 18.36 11.15 15.20
N VAL A 24 19.15 10.17 14.79
CA VAL A 24 18.64 8.86 14.39
C VAL A 24 18.53 7.98 15.63
N GLY A 25 17.33 7.43 15.86
CA GLY A 25 17.08 6.63 17.05
C GLY A 25 16.95 5.13 16.85
N GLN A 26 16.00 4.54 17.55
CA GLN A 26 15.76 3.11 17.55
C GLN A 26 15.54 2.57 16.13
N ARG A 27 16.12 1.41 15.85
CA ARG A 27 15.86 0.75 14.57
C ARG A 27 14.46 0.16 14.60
N ILE A 28 13.69 0.41 13.55
CA ILE A 28 12.30 -0.01 13.47
C ILE A 28 12.12 -1.16 12.50
N GLY A 29 12.76 -1.10 11.35
CA GLY A 29 12.57 -2.13 10.33
C GLY A 29 13.81 -2.25 9.49
N SER A 30 14.05 -3.44 8.96
CA SER A 30 15.31 -3.70 8.27
C SER A 30 15.14 -4.81 7.24
N GLY A 31 15.90 -4.72 6.16
CA GLY A 31 15.93 -5.78 5.18
C GLY A 31 17.19 -5.71 4.37
N SER A 32 17.21 -6.43 3.25
CA SER A 32 18.41 -6.46 2.43
C SER A 32 18.66 -5.13 1.73
N PHE A 33 17.67 -4.24 1.68
CA PHE A 33 17.80 -3.04 0.87
C PHE A 33 17.77 -1.75 1.69
N GLY A 34 17.74 -1.84 3.01
CA GLY A 34 17.80 -0.65 3.84
C GLY A 34 17.18 -0.86 5.20
N THR A 35 17.14 0.24 5.95
CA THR A 35 16.73 0.23 7.34
C THR A 35 15.94 1.50 7.64
N VAL A 36 14.92 1.37 8.48
CA VAL A 36 14.10 2.50 8.91
C VAL A 36 14.23 2.63 10.41
N TYR A 37 14.44 3.87 10.85
CA TYR A 37 14.60 4.24 12.26
C TYR A 37 13.58 5.29 12.65
N LYS A 38 13.22 5.27 13.93
CA LYS A 38 12.62 6.43 14.56
C LYS A 38 13.70 7.49 14.77
N GLY A 39 13.35 8.75 14.62
CA GLY A 39 14.32 9.81 14.79
C GLY A 39 13.67 11.07 15.34
N LYS A 40 14.49 12.09 15.51
CA LYS A 40 14.02 13.38 15.97
C LYS A 40 14.52 14.46 15.02
N TRP A 41 13.59 15.29 14.56
CA TRP A 41 13.90 16.47 13.75
C TRP A 41 12.66 17.36 13.85
N HIS A 42 12.74 18.39 14.71
CA HIS A 42 11.60 19.25 15.04
C HIS A 42 10.38 18.44 15.46
N GLY A 43 10.59 17.41 16.25
CA GLY A 43 9.57 16.46 16.60
C GLY A 43 9.95 15.08 16.12
N ASP A 44 8.99 14.15 16.20
CA ASP A 44 9.24 12.75 15.82
C ASP A 44 9.21 12.57 14.32
N VAL A 45 10.18 11.80 13.80
CA VAL A 45 10.21 11.46 12.38
C VAL A 45 10.57 9.98 12.22
N ALA A 46 10.25 9.44 11.05
CA ALA A 46 10.80 8.18 10.57
C ALA A 46 11.84 8.51 9.49
N VAL A 47 12.91 7.71 9.46
CA VAL A 47 14.07 7.96 8.62
C VAL A 47 14.45 6.64 7.98
N LYS A 48 14.37 6.57 6.66
CA LYS A 48 14.67 5.34 5.92
C LYS A 48 15.96 5.58 5.16
N MET A 49 16.97 4.73 5.39
CA MET A 49 18.23 4.91 4.68
C MET A 49 18.72 3.59 4.10
N LEU A 50 19.54 3.72 3.05
CA LEU A 50 20.22 2.57 2.47
C LEU A 50 21.28 2.03 3.43
N ASN A 51 21.48 0.72 3.43
CA ASN A 51 22.47 0.08 4.29
C ASN A 51 23.91 0.27 3.80
N VAL A 52 24.11 0.95 2.67
CA VAL A 52 25.42 0.97 2.01
C VAL A 52 26.09 2.32 2.19
N THR A 53 27.28 2.45 1.64
CA THR A 53 28.15 3.61 1.79
C THR A 53 28.30 4.42 0.51
N ALA A 54 28.67 3.76 -0.59
CA ALA A 54 28.72 4.39 -1.91
C ALA A 54 27.66 3.73 -2.78
N PRO A 55 26.53 4.39 -3.04
CA PRO A 55 25.47 3.75 -3.81
C PRO A 55 25.85 3.60 -5.28
N THR A 56 25.37 2.52 -5.89
CA THR A 56 25.48 2.38 -7.32
C THR A 56 24.61 3.44 -7.99
N PRO A 57 24.89 3.81 -9.24
CA PRO A 57 24.00 4.73 -9.95
C PRO A 57 22.57 4.27 -9.91
N GLN A 58 22.36 2.96 -9.99
CA GLN A 58 21.01 2.39 -9.90
CA GLN A 58 20.99 2.43 -9.92
C GLN A 58 20.36 2.71 -8.56
N GLN A 59 21.10 2.51 -7.46
CA GLN A 59 20.56 2.76 -6.13
C GLN A 59 20.23 4.24 -5.94
N LEU A 60 21.15 5.11 -6.37
CA LEU A 60 20.92 6.54 -6.29
C LEU A 60 19.68 6.95 -7.09
N GLN A 61 19.58 6.46 -8.32
CA GLN A 61 18.44 6.85 -9.15
C GLN A 61 17.13 6.36 -8.55
N ALA A 62 17.10 5.14 -8.01
CA ALA A 62 15.86 4.64 -7.43
C ALA A 62 15.46 5.47 -6.22
N PHE A 63 16.46 5.88 -5.43
CA PHE A 63 16.23 6.81 -4.32
C PHE A 63 15.58 8.08 -4.84
N LYS A 64 16.10 8.63 -5.93
CA LYS A 64 15.54 9.84 -6.49
C LYS A 64 14.12 9.62 -6.99
N ASN A 65 13.85 8.45 -7.57
CA ASN A 65 12.49 8.16 -8.02
C ASN A 65 11.52 8.22 -6.83
N GLU A 66 11.91 7.62 -5.71
CA GLU A 66 10.99 7.59 -4.58
C GLU A 66 10.75 8.99 -4.04
N VAL A 67 11.84 9.76 -3.89
CA VAL A 67 11.71 11.14 -3.42
C VAL A 67 10.85 11.96 -4.38
N GLY A 68 11.00 11.73 -5.68
CA GLY A 68 10.22 12.50 -6.63
C GLY A 68 8.74 12.14 -6.62
N VAL A 69 8.41 10.89 -6.26
CA VAL A 69 7.01 10.57 -6.05
C VAL A 69 6.48 11.25 -4.79
N LEU A 70 7.21 11.12 -3.68
CA LEU A 70 6.76 11.66 -2.39
C LEU A 70 6.63 13.18 -2.42
N ARG A 71 7.54 13.85 -3.13
CA ARG A 71 7.53 15.30 -3.24
C ARG A 71 6.28 15.80 -3.94
N LYS A 72 5.56 14.94 -4.68
CA LYS A 72 4.33 15.30 -5.37
C LYS A 72 3.09 15.18 -4.49
N THR A 73 3.22 14.81 -3.22
CA THR A 73 2.05 14.44 -2.45
C THR A 73 1.85 15.38 -1.25
N ARG A 74 0.66 15.98 -1.17
CA ARG A 74 0.23 16.76 -0.03
C ARG A 74 -1.22 16.32 0.23
N HIS A 75 -1.39 15.28 1.03
CA HIS A 75 -2.74 14.82 1.29
C HIS A 75 -2.77 14.14 2.66
N VAL A 76 -3.85 14.38 3.41
CA VAL A 76 -3.94 13.89 4.78
C VAL A 76 -3.93 12.37 4.86
N ASN A 77 -4.27 11.67 3.79
CA ASN A 77 -4.29 10.22 3.80
C ASN A 77 -3.07 9.60 3.13
N ILE A 78 -2.10 10.41 2.72
CA ILE A 78 -0.78 9.95 2.29
C ILE A 78 0.22 10.30 3.38
N LEU A 79 1.05 9.33 3.77
CA LEU A 79 2.08 9.58 4.76
C LEU A 79 2.90 10.80 4.35
N LEU A 80 3.15 11.71 5.31
CA LEU A 80 3.72 13.01 4.99
C LEU A 80 5.23 12.91 4.79
N PHE A 81 5.68 13.16 3.57
CA PHE A 81 7.10 13.31 3.30
C PHE A 81 7.57 14.65 3.87
N MET A 82 8.72 14.64 4.55
CA MET A 82 9.24 15.83 5.20
C MET A 82 10.57 16.30 4.66
N GLY A 83 11.39 15.40 4.12
CA GLY A 83 12.67 15.80 3.58
C GLY A 83 13.50 14.59 3.24
N TYR A 84 14.68 14.85 2.71
CA TYR A 84 15.63 13.78 2.40
C TYR A 84 17.02 14.29 2.75
N SER A 85 17.99 13.37 2.79
CA SER A 85 19.38 13.79 2.90
C SER A 85 20.26 12.86 2.09
N THR A 86 21.44 13.38 1.74
CA THR A 86 22.43 12.62 0.98
C THR A 86 23.75 12.41 1.71
N LYS A 87 24.06 13.21 2.73
CA LYS A 87 25.22 13.01 3.60
C LYS A 87 24.76 12.51 4.96
N PRO A 88 25.32 11.40 5.48
CA PRO A 88 26.33 10.47 4.96
C PRO A 88 25.71 9.32 4.18
N GLN A 89 24.42 9.12 4.40
CA GLN A 89 23.65 8.10 3.73
C GLN A 89 22.45 8.74 3.08
N LEU A 90 22.02 8.18 1.96
CA LEU A 90 20.79 8.61 1.31
C LEU A 90 19.60 8.25 2.19
N ALA A 91 18.90 9.26 2.69
CA ALA A 91 17.83 9.00 3.64
C ALA A 91 16.58 9.78 3.22
N ILE A 92 15.42 9.19 3.47
CA ILE A 92 14.12 9.83 3.28
C ILE A 92 13.50 10.00 4.66
N VAL A 93 12.96 11.18 4.93
CA VAL A 93 12.39 11.50 6.23
C VAL A 93 10.89 11.71 6.07
N THR A 94 10.09 11.09 6.94
CA THR A 94 8.65 11.29 6.98
C THR A 94 8.21 11.58 8.40
N GLN A 95 6.98 12.07 8.52
CA GLN A 95 6.31 12.10 9.81
C GLN A 95 6.42 10.73 10.49
N TRP A 96 6.35 10.75 11.81
CA TRP A 96 6.26 9.55 12.62
C TRP A 96 4.82 9.32 13.04
N CYS A 97 4.29 8.13 12.76
CA CYS A 97 2.93 7.78 13.11
C CYS A 97 2.92 6.75 14.23
N GLU A 98 2.18 7.04 15.30
CA GLU A 98 1.88 6.01 16.30
C GLU A 98 0.64 5.25 15.85
N GLY A 99 0.65 3.94 16.07
CA GLY A 99 -0.48 3.10 15.70
C GLY A 99 0.01 1.83 15.05
N SER A 100 -0.79 1.23 14.16
CA SER A 100 -0.36 0.02 13.48
C SER A 100 -1.11 -0.11 12.16
N SER A 101 -0.62 -1.02 11.33
CA SER A 101 -1.19 -1.20 10.00
C SER A 101 -2.61 -1.75 10.10
N LEU A 102 -3.37 -1.56 9.02
CA LEU A 102 -4.68 -2.19 8.95
C LEU A 102 -4.56 -3.71 9.00
N TYR A 103 -3.53 -4.27 8.37
CA TYR A 103 -3.33 -5.72 8.41
C TYR A 103 -3.24 -6.21 9.85
N LYS A 104 -2.42 -5.54 10.67
CA LYS A 104 -2.32 -5.92 12.09
C LYS A 104 -3.67 -5.87 12.77
N HIS A 105 -4.45 -4.81 12.52
CA HIS A 105 -5.75 -4.68 13.16
C HIS A 105 -6.71 -5.80 12.77
N LEU A 106 -6.75 -6.14 11.47
CA LEU A 106 -7.73 -7.14 11.01
C LEU A 106 -7.29 -8.57 11.34
N HIS A 107 -6.00 -8.88 11.20
CA HIS A 107 -5.56 -10.26 11.20
C HIS A 107 -4.57 -10.62 12.30
N ALA A 108 -4.22 -9.70 13.20
CA ALA A 108 -3.35 -10.03 14.34
C ALA A 108 -4.05 -9.69 15.66
N SER A 109 -4.28 -8.41 15.95
CA SER A 109 -5.06 -8.05 17.13
C SER A 109 -6.54 -8.35 16.99
N GLU A 110 -7.01 -8.65 15.77
CA GLU A 110 -8.42 -8.87 15.48
C GLU A 110 -9.30 -7.84 16.17
N THR A 111 -8.93 -6.57 16.00
CA THR A 111 -9.74 -5.45 16.47
C THR A 111 -11.18 -5.61 15.97
N LYS A 112 -12.14 -5.25 16.83
CA LYS A 112 -13.55 -5.34 16.47
C LYS A 112 -14.02 -3.95 16.04
N PHE A 113 -13.88 -3.69 14.73
CA PHE A 113 -14.39 -2.45 14.17
C PHE A 113 -15.87 -2.59 13.86
N GLU A 114 -16.65 -1.63 14.33
CA GLU A 114 -18.01 -1.43 13.90
C GLU A 114 -18.04 -1.17 12.39
N MET A 115 -19.19 -1.51 11.74
CA MET A 115 -19.29 -1.34 10.29
C MET A 115 -19.01 0.11 9.88
N LYS A 116 -19.46 1.08 10.68
CA LYS A 116 -19.22 2.48 10.37
C LYS A 116 -17.72 2.78 10.25
N LYS A 117 -16.91 2.21 11.16
CA LYS A 117 -15.48 2.50 11.10
C LYS A 117 -14.82 1.77 9.93
N LEU A 118 -15.27 0.54 9.63
CA LEU A 118 -14.77 -0.16 8.44
C LEU A 118 -15.01 0.66 7.17
N ILE A 119 -16.21 1.25 7.05
CA ILE A 119 -16.53 2.08 5.90
C ILE A 119 -15.70 3.36 5.91
N ASP A 120 -15.52 3.97 7.08
CA ASP A 120 -14.63 5.13 7.19
C ASP A 120 -13.20 4.83 6.74
N ILE A 121 -12.68 3.64 7.09
CA ILE A 121 -11.33 3.28 6.64
C ILE A 121 -11.30 3.10 5.12
N ALA A 122 -12.33 2.46 4.56
CA ALA A 122 -12.38 2.32 3.10
C ALA A 122 -12.46 3.68 2.43
N ARG A 123 -13.22 4.60 3.02
CA ARG A 123 -13.40 5.93 2.44
C ARG A 123 -12.11 6.75 2.47
N GLN A 124 -11.39 6.74 3.60
CA GLN A 124 -10.10 7.43 3.65
C GLN A 124 -9.08 6.79 2.71
N THR A 125 -9.08 5.46 2.60
CA THR A 125 -8.17 4.82 1.65
C THR A 125 -8.47 5.27 0.22
N ALA A 126 -9.77 5.34 -0.13
CA ALA A 126 -10.13 5.75 -1.47
C ALA A 126 -9.80 7.21 -1.71
N ARG A 127 -9.89 8.05 -0.68
CA ARG A 127 -9.47 9.44 -0.85
C ARG A 127 -8.01 9.52 -1.23
N GLY A 128 -7.15 8.82 -0.46
CA GLY A 128 -5.72 8.83 -0.76
C GLY A 128 -5.40 8.28 -2.13
N MET A 129 -6.04 7.16 -2.51
CA MET A 129 -5.76 6.54 -3.81
C MET A 129 -6.28 7.41 -4.96
N ASP A 130 -7.47 7.97 -4.82
CA ASP A 130 -7.98 8.95 -5.79
C ASP A 130 -6.99 10.09 -5.99
N TYR A 131 -6.42 10.59 -4.88
CA TYR A 131 -5.43 11.66 -4.98
C TYR A 131 -4.17 11.20 -5.71
N LEU A 132 -3.64 10.03 -5.33
CA LEU A 132 -2.44 9.52 -5.99
C LEU A 132 -2.67 9.37 -7.50
N HIS A 133 -3.80 8.79 -7.88
CA HIS A 133 -4.02 8.59 -9.32
C HIS A 133 -4.25 9.91 -10.03
N ALA A 134 -4.87 10.89 -9.36
CA ALA A 134 -4.97 12.22 -9.94
C ALA A 134 -3.61 12.88 -10.12
N LYS A 135 -2.61 12.47 -9.36
CA LYS A 135 -1.25 12.94 -9.48
C LYS A 135 -0.41 12.05 -10.41
N SER A 136 -1.05 11.10 -11.09
CA SER A 136 -0.39 10.18 -12.02
C SER A 136 0.60 9.27 -11.32
N ILE A 137 0.30 8.93 -10.07
CA ILE A 137 1.13 8.03 -9.27
C ILE A 137 0.43 6.68 -9.20
N ILE A 138 1.09 5.66 -9.73
CA ILE A 138 0.64 4.28 -9.53
C ILE A 138 1.34 3.72 -8.30
N HIS A 139 0.56 3.19 -7.35
CA HIS A 139 1.12 2.73 -6.09
C HIS A 139 1.93 1.45 -6.25
N ARG A 140 1.33 0.44 -6.92
CA ARG A 140 1.96 -0.86 -7.24
CA ARG A 140 1.97 -0.84 -7.24
C ARG A 140 1.96 -1.86 -6.09
N ASP A 141 1.76 -1.44 -4.85
CA ASP A 141 1.76 -2.43 -3.77
C ASP A 141 0.77 -2.08 -2.67
N LEU A 142 -0.45 -1.71 -3.06
CA LEU A 142 -1.49 -1.45 -2.08
C LEU A 142 -1.97 -2.76 -1.46
N LYS A 143 -2.10 -2.77 -0.15
CA LYS A 143 -2.50 -3.95 0.62
C LYS A 143 -2.68 -3.46 2.05
N SER A 144 -3.34 -4.27 2.88
CA SER A 144 -3.65 -3.76 4.22
C SER A 144 -2.40 -3.53 5.07
N ASN A 145 -1.29 -4.20 4.79
CA ASN A 145 -0.11 -3.89 5.57
C ASN A 145 0.46 -2.52 5.19
N ASN A 146 0.06 -1.96 4.04
CA ASN A 146 0.53 -0.66 3.59
C ASN A 146 -0.46 0.45 3.89
N ILE A 147 -1.44 0.18 4.74
CA ILE A 147 -2.46 1.17 5.12
C ILE A 147 -2.31 1.35 6.62
N PHE A 148 -1.68 2.43 7.04
CA PHE A 148 -1.36 2.61 8.44
C PHE A 148 -2.51 3.34 9.11
N LEU A 149 -2.96 2.86 10.27
CA LEU A 149 -3.99 3.56 11.04
C LEU A 149 -3.29 4.40 12.10
N HIS A 150 -3.01 5.66 11.73
CA HIS A 150 -2.47 6.66 12.64
C HIS A 150 -3.43 6.89 13.80
N GLU A 151 -2.94 6.66 15.02
CA GLU A 151 -3.76 6.67 16.23
C GLU A 151 -5.00 5.81 16.05
N ASP A 152 -4.88 4.76 15.22
CA ASP A 152 -5.96 3.83 14.92
C ASP A 152 -7.23 4.53 14.42
N ASN A 153 -7.04 5.72 13.85
CA ASN A 153 -8.17 6.53 13.38
CA ASN A 153 -8.16 6.52 13.38
C ASN A 153 -8.00 7.04 11.96
N THR A 154 -6.81 7.52 11.59
CA THR A 154 -6.60 8.17 10.30
C THR A 154 -5.75 7.29 9.39
N VAL A 155 -6.23 7.07 8.16
CA VAL A 155 -5.49 6.26 7.19
C VAL A 155 -4.30 7.06 6.68
N LYS A 156 -3.13 6.41 6.64
CA LYS A 156 -1.94 6.94 5.99
C LYS A 156 -1.50 5.86 5.01
N ILE A 157 -1.67 6.13 3.74
CA ILE A 157 -1.20 5.20 2.72
C ILE A 157 0.29 5.42 2.56
N GLY A 158 1.05 4.34 2.49
CA GLY A 158 2.46 4.42 2.09
C GLY A 158 2.90 3.11 1.47
N ASP A 159 4.19 2.92 1.27
CA ASP A 159 4.72 1.61 0.91
C ASP A 159 5.74 1.27 1.99
N PHE A 160 5.31 0.52 2.99
CA PHE A 160 6.14 0.29 4.17
C PHE A 160 7.19 -0.80 3.96
N GLY A 161 7.21 -1.47 2.80
CA GLY A 161 8.23 -2.46 2.53
C GLY A 161 9.33 -1.96 1.60
N LEU A 162 9.05 -0.88 0.88
CA LEU A 162 9.94 -0.37 -0.16
C LEU A 162 11.28 0.10 0.42
N ALA A 163 12.37 -0.41 -0.16
CA ALA A 163 13.74 -0.05 0.18
C ALA A 163 14.12 -0.46 1.61
N THR A 164 13.44 -1.47 2.15
CA THR A 164 13.95 -2.20 3.31
C THR A 164 13.88 -3.70 3.04
N VAL A 165 12.68 -4.27 3.17
CA VAL A 165 12.49 -5.69 2.88
C VAL A 165 12.46 -5.92 1.37
N LYS A 166 11.73 -5.08 0.65
CA LYS A 166 11.66 -5.12 -0.80
C LYS A 166 12.59 -4.05 -1.38
N SER A 167 13.08 -4.31 -2.59
CA SER A 167 13.89 -3.30 -3.24
C SER A 167 13.00 -2.22 -3.85
N ARG A 168 13.62 -1.13 -4.29
CA ARG A 168 12.91 -0.16 -5.07
C ARG A 168 12.64 -0.72 -6.46
N TRP A 169 11.78 -0.05 -7.20
CA TRP A 169 11.31 -0.57 -8.47
C TRP A 169 12.38 -0.41 -9.56
N SER A 170 12.57 -1.48 -10.34
CA SER A 170 13.38 -1.44 -11.55
C SER A 170 12.43 -1.83 -12.68
N GLY A 171 11.87 -0.84 -13.37
CA GLY A 171 10.79 -1.12 -14.30
C GLY A 171 9.59 -1.68 -13.54
N SER A 172 9.16 -2.88 -13.92
CA SER A 172 8.13 -3.60 -13.19
C SER A 172 8.70 -4.75 -12.37
N HIS A 173 10.02 -4.77 -12.18
CA HIS A 173 10.70 -5.74 -11.34
C HIS A 173 11.00 -5.14 -9.97
N GLN A 174 11.08 -6.02 -8.97
CA GLN A 174 11.39 -5.66 -7.61
C GLN A 174 11.75 -6.93 -6.87
N PHE A 175 12.83 -6.89 -6.10
CA PHE A 175 13.21 -8.05 -5.33
C PHE A 175 12.27 -8.23 -4.15
N GLU A 176 11.90 -9.49 -3.89
CA GLU A 176 10.82 -9.85 -2.96
C GLU A 176 9.49 -9.24 -3.39
N GLN A 177 9.24 -9.26 -4.71
CA GLN A 177 8.02 -8.69 -5.27
C GLN A 177 6.77 -9.40 -4.71
N LEU A 178 6.77 -10.73 -4.72
CA LEU A 178 5.62 -11.51 -4.27
C LEU A 178 5.49 -11.57 -2.76
N SER A 179 6.51 -11.15 -2.01
CA SER A 179 6.56 -11.35 -0.57
C SER A 179 5.43 -10.60 0.13
N GLY A 180 4.49 -11.34 0.71
CA GLY A 180 3.36 -10.75 1.41
C GLY A 180 2.44 -9.92 0.53
N SER A 181 2.55 -10.04 -0.79
CA SER A 181 1.76 -9.21 -1.69
C SER A 181 0.88 -10.01 -2.62
N ILE A 182 1.05 -11.32 -2.66
CA ILE A 182 0.47 -12.11 -3.72
C ILE A 182 -1.05 -11.98 -3.74
N LEU A 183 -1.68 -11.91 -2.57
CA LEU A 183 -3.13 -11.93 -2.53
C LEU A 183 -3.77 -10.67 -3.12
N TRP A 184 -3.01 -9.58 -3.26
CA TRP A 184 -3.52 -8.31 -3.75
C TRP A 184 -3.21 -8.05 -5.21
N MET A 185 -2.58 -8.99 -5.89
CA MET A 185 -2.09 -8.77 -7.23
C MET A 185 -3.17 -9.11 -8.24
N ALA A 186 -3.46 -8.18 -9.16
CA ALA A 186 -4.44 -8.45 -10.19
C ALA A 186 -3.98 -9.63 -11.05
N PRO A 187 -4.93 -10.31 -11.71
CA PRO A 187 -4.54 -11.39 -12.65
C PRO A 187 -3.42 -10.99 -13.61
N GLU A 188 -3.53 -9.82 -14.25
CA GLU A 188 -2.52 -9.42 -15.22
C GLU A 188 -1.19 -9.10 -14.56
N VAL A 189 -1.18 -8.83 -13.26
CA VAL A 189 0.11 -8.62 -12.59
C VAL A 189 0.74 -9.95 -12.22
N ILE A 190 -0.07 -10.90 -11.75
CA ILE A 190 0.45 -12.23 -11.44
C ILE A 190 0.99 -12.94 -12.68
N ARG A 191 0.41 -12.69 -13.86
CA ARG A 191 0.98 -13.30 -15.06
C ARG A 191 2.21 -12.56 -15.56
N MET A 192 2.14 -11.23 -15.58
CA MET A 192 3.15 -10.37 -16.21
C MET A 192 3.45 -10.83 -17.64
N GLN A 193 2.41 -10.77 -18.48
CA GLN A 193 2.55 -10.95 -19.92
C GLN A 193 2.87 -9.61 -20.58
N ASP A 194 3.99 -9.03 -20.13
CA ASP A 194 4.33 -7.66 -20.47
C ASP A 194 5.67 -7.26 -19.87
N SER A 195 6.07 -6.01 -20.04
CA SER A 195 7.09 -5.39 -19.22
C SER A 195 6.52 -4.41 -18.21
N ASN A 196 5.27 -3.99 -18.36
CA ASN A 196 4.53 -3.31 -17.30
C ASN A 196 3.08 -3.76 -17.27
N PRO A 197 2.72 -4.61 -16.31
CA PRO A 197 1.31 -4.88 -16.03
C PRO A 197 0.68 -3.88 -15.08
N TYR A 198 1.47 -3.05 -14.41
CA TYR A 198 0.95 -2.16 -13.36
C TYR A 198 0.22 -0.97 -13.97
N SER A 199 -0.96 -0.67 -13.43
CA SER A 199 -1.75 0.43 -13.94
C SER A 199 -2.61 0.96 -12.80
N PHE A 200 -3.32 2.05 -13.08
CA PHE A 200 -4.37 2.49 -12.18
C PHE A 200 -5.35 1.36 -11.88
N GLN A 201 -5.65 0.54 -12.90
CA GLN A 201 -6.61 -0.56 -12.75
C GLN A 201 -6.10 -1.70 -11.87
N SER A 202 -4.79 -1.98 -11.87
CA SER A 202 -4.29 -2.96 -10.91
C SER A 202 -4.27 -2.41 -9.46
N ASP A 203 -4.03 -1.10 -9.30
CA ASP A 203 -4.28 -0.49 -7.99
C ASP A 203 -5.74 -0.69 -7.57
N VAL A 204 -6.68 -0.52 -8.50
CA VAL A 204 -8.11 -0.69 -8.17
C VAL A 204 -8.40 -2.13 -7.73
N TYR A 205 -7.80 -3.11 -8.40
CA TYR A 205 -7.98 -4.50 -7.98
C TYR A 205 -7.46 -4.72 -6.55
N ALA A 206 -6.25 -4.19 -6.25
CA ALA A 206 -5.72 -4.35 -4.90
C ALA A 206 -6.65 -3.73 -3.87
N PHE A 207 -7.26 -2.59 -4.23
CA PHE A 207 -8.23 -1.96 -3.34
C PHE A 207 -9.46 -2.84 -3.12
N GLY A 208 -9.92 -3.51 -4.18
CA GLY A 208 -10.99 -4.50 -4.01
C GLY A 208 -10.63 -5.58 -3.00
N ILE A 209 -9.38 -6.05 -3.03
CA ILE A 209 -8.97 -7.08 -2.06
C ILE A 209 -8.95 -6.50 -0.64
N VAL A 210 -8.50 -5.26 -0.50
CA VAL A 210 -8.61 -4.56 0.80
C VAL A 210 -10.06 -4.48 1.26
N LEU A 211 -10.98 -4.13 0.34
CA LEU A 211 -12.40 -4.15 0.68
C LEU A 211 -12.84 -5.54 1.15
N TYR A 212 -12.34 -6.58 0.48
CA TYR A 212 -12.67 -7.93 0.90
C TYR A 212 -12.21 -8.18 2.35
N GLU A 213 -10.99 -7.75 2.69
CA GLU A 213 -10.50 -7.92 4.07
C GLU A 213 -11.37 -7.18 5.06
N LEU A 214 -11.80 -5.96 4.71
CA LEU A 214 -12.64 -5.20 5.61
C LEU A 214 -14.00 -5.86 5.83
N MET A 215 -14.61 -6.38 4.76
CA MET A 215 -15.96 -6.91 4.83
C MET A 215 -16.03 -8.37 5.29
N THR A 216 -14.96 -9.16 5.13
CA THR A 216 -14.93 -10.50 5.69
C THR A 216 -14.13 -10.59 6.98
N GLY A 217 -13.23 -9.65 7.23
CA GLY A 217 -12.32 -9.75 8.35
C GLY A 217 -11.17 -10.69 8.15
N GLN A 218 -11.05 -11.32 6.98
CA GLN A 218 -10.01 -12.32 6.78
C GLN A 218 -9.39 -12.19 5.40
N LEU A 219 -8.30 -12.92 5.20
CA LEU A 219 -7.54 -12.91 3.95
C LEU A 219 -8.20 -13.84 2.93
N PRO A 220 -8.21 -13.46 1.65
CA PRO A 220 -8.75 -14.34 0.62
C PRO A 220 -7.91 -15.60 0.46
N TYR A 221 -8.56 -16.65 -0.06
CA TYR A 221 -7.92 -17.93 -0.41
C TYR A 221 -7.32 -18.64 0.80
N SER A 222 -7.94 -18.49 1.98
CA SER A 222 -7.38 -19.09 3.20
C SER A 222 -7.25 -20.60 3.09
N ASN A 223 -8.14 -21.24 2.34
CA ASN A 223 -8.19 -22.69 2.20
C ASN A 223 -7.11 -23.25 1.27
N ILE A 224 -6.60 -22.44 0.33
CA ILE A 224 -5.60 -22.95 -0.61
C ILE A 224 -4.27 -23.13 0.12
N ASN A 225 -3.58 -24.22 -0.18
CA ASN A 225 -2.45 -24.67 0.63
C ASN A 225 -1.09 -24.31 0.08
N ASN A 226 -0.98 -23.81 -1.15
CA ASN A 226 0.31 -23.53 -1.78
CA ASN A 226 0.33 -23.45 -1.68
C ASN A 226 0.25 -22.21 -2.55
N ARG A 227 1.31 -21.39 -2.44
CA ARG A 227 1.39 -20.14 -3.19
C ARG A 227 1.27 -20.37 -4.70
N ASP A 228 1.97 -21.38 -5.21
CA ASP A 228 2.00 -21.57 -6.66
C ASP A 228 0.61 -21.89 -7.20
N GLN A 229 -0.21 -22.54 -6.37
CA GLN A 229 -1.61 -22.74 -6.73
C GLN A 229 -2.31 -21.41 -6.97
N ILE A 230 -2.14 -20.46 -6.04
CA ILE A 230 -2.76 -19.15 -6.19
C ILE A 230 -2.22 -18.46 -7.44
N ILE A 231 -0.90 -18.46 -7.60
CA ILE A 231 -0.29 -17.92 -8.83
C ILE A 231 -1.03 -18.45 -10.06
N GLU A 232 -1.03 -19.77 -10.23
CA GLU A 232 -1.58 -20.36 -11.45
C GLU A 232 -3.04 -20.00 -11.62
N MET A 233 -3.86 -20.24 -10.60
CA MET A 233 -5.30 -20.14 -10.78
C MET A 233 -5.79 -18.69 -10.85
N VAL A 234 -5.10 -17.74 -10.17
CA VAL A 234 -5.51 -16.35 -10.34
C VAL A 234 -5.04 -15.82 -11.69
N GLY A 235 -3.83 -16.20 -12.13
CA GLY A 235 -3.41 -15.81 -13.47
C GLY A 235 -4.27 -16.41 -14.56
N ARG A 236 -4.83 -17.60 -14.32
CA ARG A 236 -5.68 -18.28 -15.29
C ARG A 236 -7.10 -17.73 -15.33
N GLY A 237 -7.54 -17.04 -14.27
CA GLY A 237 -8.91 -16.57 -14.20
C GLY A 237 -9.88 -17.53 -13.54
N SER A 238 -9.42 -18.69 -13.10
CA SER A 238 -10.28 -19.66 -12.44
C SER A 238 -10.24 -19.55 -10.92
N LEU A 239 -9.72 -18.45 -10.38
CA LEU A 239 -9.68 -18.23 -8.94
C LEU A 239 -9.98 -16.77 -8.64
N SER A 240 -10.91 -16.55 -7.71
CA SER A 240 -11.41 -15.22 -7.40
C SER A 240 -11.86 -15.22 -5.96
N PRO A 241 -11.84 -14.08 -5.28
CA PRO A 241 -12.38 -14.02 -3.93
C PRO A 241 -13.85 -14.44 -3.88
N ASP A 242 -14.19 -15.20 -2.84
CA ASP A 242 -15.53 -15.72 -2.62
C ASP A 242 -16.32 -14.67 -1.83
N LEU A 243 -17.14 -13.88 -2.54
CA LEU A 243 -17.86 -12.78 -1.91
C LEU A 243 -18.99 -13.24 -1.01
N SER A 244 -19.32 -14.53 -1.02
CA SER A 244 -20.35 -15.03 -0.13
C SER A 244 -19.87 -15.19 1.31
N LYS A 245 -18.55 -15.19 1.56
CA LYS A 245 -18.00 -15.23 2.92
C LYS A 245 -18.02 -13.87 3.60
N VAL A 246 -18.68 -12.90 3.01
CA VAL A 246 -18.72 -11.55 3.56
C VAL A 246 -19.66 -11.50 4.75
N ARG A 247 -19.37 -10.65 5.73
CA ARG A 247 -20.22 -10.52 6.89
C ARG A 247 -21.65 -10.14 6.50
N SER A 248 -22.59 -10.48 7.38
CA SER A 248 -24.01 -10.27 7.10
C SER A 248 -24.41 -8.80 7.13
N ASN A 249 -23.77 -7.98 7.98
CA ASN A 249 -24.07 -6.55 8.02
C ASN A 249 -23.37 -5.77 6.91
N CYS A 250 -22.74 -6.45 5.97
CA CYS A 250 -22.10 -5.76 4.85
C CYS A 250 -23.16 -5.17 3.92
N PRO A 251 -23.10 -3.88 3.62
CA PRO A 251 -24.10 -3.26 2.74
C PRO A 251 -24.06 -3.84 1.33
N LYS A 252 -25.24 -3.89 0.70
CA LYS A 252 -25.35 -4.45 -0.64
C LYS A 252 -24.48 -3.69 -1.63
N ARG A 253 -24.50 -2.36 -1.52
CA ARG A 253 -23.63 -1.49 -2.32
C ARG A 253 -22.17 -1.90 -2.21
N MET A 254 -21.73 -2.24 -1.02
CA MET A 254 -20.32 -2.56 -0.83
C MET A 254 -19.95 -3.86 -1.53
N LYS A 255 -20.84 -4.86 -1.51
CA LYS A 255 -20.59 -6.09 -2.25
C LYS A 255 -20.53 -5.83 -3.75
N ARG A 256 -21.46 -5.01 -4.26
CA ARG A 256 -21.41 -4.62 -5.67
C ARG A 256 -20.07 -3.97 -6.01
N LEU A 257 -19.63 -3.04 -5.16
CA LEU A 257 -18.41 -2.29 -5.44
C LEU A 257 -17.21 -3.22 -5.45
N MET A 258 -17.13 -4.08 -4.45
CA MET A 258 -16.05 -5.07 -4.38
C MET A 258 -16.01 -5.91 -5.65
N ALA A 259 -17.17 -6.44 -6.08
CA ALA A 259 -17.21 -7.24 -7.29
C ALA A 259 -16.73 -6.45 -8.51
N GLU A 260 -17.06 -5.16 -8.56
CA GLU A 260 -16.59 -4.33 -9.66
CA GLU A 260 -16.59 -4.31 -9.65
C GLU A 260 -15.07 -4.20 -9.64
N CYS A 261 -14.49 -3.90 -8.47
CA CYS A 261 -13.04 -3.72 -8.38
C CYS A 261 -12.29 -5.01 -8.70
N LEU A 262 -12.90 -6.17 -8.47
CA LEU A 262 -12.20 -7.43 -8.62
C LEU A 262 -12.36 -8.08 -9.99
N LYS A 263 -12.91 -7.37 -10.96
CA LYS A 263 -13.13 -7.96 -12.29
C LYS A 263 -11.81 -8.35 -12.93
N LYS A 264 -11.85 -9.44 -13.71
CA LYS A 264 -10.63 -10.05 -14.23
C LYS A 264 -9.99 -9.20 -15.33
N LYS A 265 -10.79 -8.65 -16.22
CA LYS A 265 -10.26 -7.79 -17.28
C LYS A 265 -10.15 -6.37 -16.74
N ARG A 266 -8.93 -5.82 -16.76
CA ARG A 266 -8.67 -4.59 -16.02
C ARG A 266 -9.55 -3.44 -16.50
N ASP A 267 -9.83 -3.39 -17.81
CA ASP A 267 -10.65 -2.33 -18.38
C ASP A 267 -12.09 -2.32 -17.89
N GLU A 268 -12.53 -3.37 -17.20
CA GLU A 268 -13.89 -3.39 -16.64
C GLU A 268 -13.97 -2.81 -15.23
N ARG A 269 -12.82 -2.50 -14.59
CA ARG A 269 -12.88 -2.02 -13.22
C ARG A 269 -13.15 -0.51 -13.20
N PRO A 270 -13.91 -0.02 -12.23
CA PRO A 270 -14.13 1.42 -12.14
C PRO A 270 -12.82 2.11 -11.75
N SER A 271 -12.85 3.43 -11.85
CA SER A 271 -11.72 4.26 -11.42
C SER A 271 -12.02 4.86 -10.06
N PHE A 272 -10.97 5.39 -9.43
CA PHE A 272 -11.13 5.81 -8.04
C PHE A 272 -12.07 6.99 -7.85
N PRO A 273 -12.21 7.94 -8.78
CA PRO A 273 -13.26 8.97 -8.56
C PRO A 273 -14.64 8.38 -8.33
N ARG A 274 -15.01 7.36 -9.12
CA ARG A 274 -16.32 6.72 -8.96
C ARG A 274 -16.34 5.79 -7.75
N ILE A 275 -15.23 5.08 -7.49
CA ILE A 275 -15.12 4.29 -6.27
C ILE A 275 -15.37 5.16 -5.04
N LEU A 276 -14.69 6.30 -4.98
CA LEU A 276 -14.81 7.18 -3.82
C LEU A 276 -16.23 7.71 -3.70
N ALA A 277 -16.83 8.15 -4.80
CA ALA A 277 -18.20 8.68 -4.69
C ALA A 277 -19.16 7.61 -4.19
N GLU A 278 -19.01 6.36 -4.66
CA GLU A 278 -19.85 5.28 -4.15
C GLU A 278 -19.65 5.05 -2.65
N ILE A 279 -18.40 5.05 -2.17
CA ILE A 279 -18.20 4.84 -0.73
C ILE A 279 -18.76 6.04 0.05
N GLU A 280 -18.58 7.25 -0.45
CA GLU A 280 -19.13 8.43 0.24
C GLU A 280 -20.65 8.31 0.37
N GLU A 281 -21.32 7.93 -0.71
CA GLU A 281 -22.75 7.67 -0.65
C GLU A 281 -23.08 6.61 0.39
N LEU A 282 -22.34 5.50 0.39
CA LEU A 282 -22.64 4.44 1.34
C LEU A 282 -22.44 4.91 2.77
N ALA A 283 -21.42 5.75 3.01
CA ALA A 283 -21.17 6.28 4.35
C ALA A 283 -22.33 7.17 4.80
N ARG A 284 -22.90 7.95 3.88
CA ARG A 284 -24.01 8.81 4.26
C ARG A 284 -25.20 8.01 4.77
N GLU A 285 -25.47 6.86 4.15
CA GLU A 285 -26.56 5.96 4.55
C GLU A 285 -27.91 6.67 4.47
#